data_4LJ3
#
_entry.id   4LJ3
#
_cell.length_a   56.693
_cell.length_b   70.300
_cell.length_c   66.636
_cell.angle_alpha   90.000
_cell.angle_beta   98.680
_cell.angle_gamma   90.000
#
_symmetry.space_group_name_H-M   'P 1 21 1'
#
loop_
_entity.id
_entity.type
_entity.pdbx_description
1 polymer 'Cyclic di-GMP phosphodiesterase YahA'
2 non-polymer "9,9'-[(2R,3R,3aS,5S,7aR,9R,10R,10aS,12S,14aR)-3,5,10,12-tetrahydroxy-5,12-dioxidooctahydro-2H,7H-difuro[3,2-d:3',2'-j][1,3,7,9,2,8]tetraoxadiphosphacyclododecine-2,9-diyl]bis(2-amino-1,9-dihydro-6H-purin-6-one)"
3 non-polymer 'CALCIUM ION'
4 non-polymer IMIDAZOLE
5 non-polymer trans-4-(hydroxymethyl)cyclohexanol
6 water water
#
_entity_poly.entity_id   1
_entity_poly.type   'polypeptide(L)'
_entity_poly.pdbx_seq_one_letter_code
;MHHHHHHSSGLVPRGSHDNHYHHIVTPEAISLALENHEFKPWIQPVFCAQTGVLTGCEVLVRWEHPQTGIIPPDQFIPLA
ESSGLIVIMTRQLMKQTADILMPVKHLLPDNFHIGINVSAGCFLAAGFEKECLNLVNKLGNDKIKLVLELTERNPIPVTP
EARAIFDSLHQHNITFALDDFGTGYATYRYLQAFPVDFIKIDKSFVQMASVDEISGHIVDNIVELARKPGLSIVAEGVET
QEQADLMIGKGVHFLQGYLYSPPVPGNKFISEWVMKAGG
;
_entity_poly.pdbx_strand_id   A,B
#
# COMPACT_ATOMS: atom_id res chain seq x y z
N TYR A 21 -4.87 -17.98 18.14
CA TYR A 21 -4.38 -17.01 19.17
C TYR A 21 -4.35 -15.55 18.69
N HIS A 22 -4.12 -14.68 19.66
CA HIS A 22 -4.06 -13.25 19.44
C HIS A 22 -2.80 -12.71 20.12
N HIS A 23 -1.75 -12.50 19.33
CA HIS A 23 -0.52 -11.91 19.85
C HIS A 23 -0.56 -10.41 19.59
N ILE A 24 -0.18 -9.63 20.60
CA ILE A 24 -0.13 -8.18 20.51
C ILE A 24 1.31 -7.66 20.53
N VAL A 25 1.72 -7.01 19.44
CA VAL A 25 3.02 -6.32 19.39
C VAL A 25 2.98 -4.90 19.95
N THR A 26 3.74 -4.78 21.03
CA THR A 26 3.93 -3.55 21.78
C THR A 26 5.42 -3.22 21.75
N PRO A 27 5.77 -1.99 22.14
CA PRO A 27 7.18 -1.64 22.24
C PRO A 27 7.95 -2.59 23.15
N GLU A 28 7.31 -3.03 24.23
CA GLU A 28 7.93 -3.96 25.16
C GLU A 28 8.25 -5.30 24.51
N ALA A 29 7.37 -5.77 23.62
CA ALA A 29 7.62 -7.01 22.90
C ALA A 29 8.78 -6.87 21.90
N ILE A 30 8.85 -5.76 21.18
CA ILE A 30 9.95 -5.51 20.26
C ILE A 30 11.28 -5.40 21.01
N SER A 31 11.27 -4.65 22.10
CA SER A 31 12.48 -4.42 22.89
C SER A 31 13.09 -5.71 23.44
N LEU A 32 12.23 -6.63 23.92
CA LEU A 32 12.68 -7.94 24.39
C LEU A 32 13.24 -8.78 23.24
N ALA A 33 12.56 -8.74 22.10
CA ALA A 33 13.01 -9.42 20.88
C ALA A 33 14.38 -8.92 20.40
N LEU A 34 14.62 -7.61 20.54
CA LEU A 34 15.93 -7.02 20.25
C LEU A 34 17.00 -7.50 21.23
N GLU A 35 16.63 -7.60 22.51
CA GLU A 35 17.50 -8.16 23.54
C GLU A 35 17.89 -9.60 23.19
N ASN A 36 16.92 -10.37 22.72
CA ASN A 36 17.13 -11.73 22.23
C ASN A 36 17.65 -11.86 20.78
N HIS A 37 17.96 -10.73 20.13
CA HIS A 37 18.42 -10.71 18.73
C HIS A 37 17.58 -11.57 17.77
N GLU A 38 16.25 -11.42 17.87
CA GLU A 38 15.33 -12.20 17.05
C GLU A 38 15.02 -11.55 15.69
N PHE A 39 15.51 -10.33 15.49
CA PHE A 39 15.35 -9.66 14.18
C PHE A 39 16.53 -9.99 13.29
N LYS A 40 16.27 -10.74 12.22
CA LYS A 40 17.32 -11.25 11.36
C LYS A 40 17.24 -10.55 10.00
N PRO A 41 18.39 -10.33 9.37
CA PRO A 41 18.37 -9.82 7.97
C PRO A 41 18.14 -10.98 7.00
N TRP A 42 17.07 -10.90 6.20
CA TRP A 42 16.95 -11.79 5.06
C TRP A 42 17.41 -10.94 3.88
N ILE A 43 17.72 -11.56 2.77
CA ILE A 43 18.39 -10.88 1.66
C ILE A 43 17.77 -11.26 0.33
N GLN A 44 17.44 -10.27 -0.49
CA GLN A 44 16.86 -10.55 -1.78
C GLN A 44 17.86 -10.08 -2.84
N PRO A 45 18.20 -10.95 -3.81
CA PRO A 45 19.17 -10.51 -4.84
C PRO A 45 18.64 -9.47 -5.85
N VAL A 46 19.56 -8.66 -6.37
CA VAL A 46 19.25 -7.68 -7.37
C VAL A 46 20.19 -7.95 -8.53
N PHE A 47 19.69 -7.76 -9.74
CA PHE A 47 20.36 -8.21 -10.96
C PHE A 47 20.43 -7.10 -11.96
N CYS A 48 21.45 -7.17 -12.80
CA CYS A 48 21.59 -6.26 -13.95
C CYS A 48 20.50 -6.60 -14.97
N ALA A 49 19.77 -5.59 -15.43
CA ALA A 49 18.67 -5.84 -16.37
C ALA A 49 19.17 -6.29 -17.75
N GLN A 50 20.34 -5.80 -18.16
CA GLN A 50 20.87 -6.10 -19.50
C GLN A 50 21.60 -7.42 -19.59
N THR A 51 22.31 -7.81 -18.54
CA THR A 51 23.12 -9.02 -18.59
C THR A 51 22.59 -10.17 -17.71
N GLY A 52 21.69 -9.87 -16.77
CA GLY A 52 21.15 -10.87 -15.87
C GLY A 52 22.02 -11.22 -14.67
N VAL A 53 23.21 -10.63 -14.56
CA VAL A 53 24.15 -11.06 -13.49
C VAL A 53 23.82 -10.44 -12.13
N LEU A 54 24.18 -11.15 -11.05
CA LEU A 54 24.02 -10.61 -9.70
C LEU A 54 24.81 -9.32 -9.54
N THR A 55 24.15 -8.21 -9.16
CA THR A 55 24.80 -6.89 -8.90
C THR A 55 24.72 -6.43 -7.45
N GLY A 56 23.81 -7.04 -6.71
CA GLY A 56 23.53 -6.55 -5.38
C GLY A 56 22.45 -7.29 -4.66
N CYS A 57 21.89 -6.63 -3.66
CA CYS A 57 20.85 -7.21 -2.80
C CYS A 57 20.13 -6.13 -2.00
N GLU A 58 18.98 -6.48 -1.46
CA GLU A 58 18.29 -5.68 -0.46
C GLU A 58 18.11 -6.52 0.79
N VAL A 59 18.44 -5.92 1.93
CA VAL A 59 18.25 -6.56 3.24
C VAL A 59 16.81 -6.25 3.70
N LEU A 60 16.06 -7.29 4.08
CA LEU A 60 14.68 -7.14 4.52
C LEU A 60 14.57 -7.86 5.82
N VAL A 61 14.09 -7.16 6.84
CA VAL A 61 14.07 -7.71 8.22
C VAL A 61 12.96 -8.74 8.38
N ARG A 62 13.25 -9.77 9.18
CA ARG A 62 12.29 -10.79 9.55
C ARG A 62 12.42 -11.03 11.04
N TRP A 63 11.30 -11.10 11.75
CA TRP A 63 11.30 -11.38 13.18
C TRP A 63 11.11 -12.88 13.27
N GLU A 64 12.17 -13.58 13.68
CA GLU A 64 12.13 -15.02 13.86
C GLU A 64 11.86 -15.28 15.32
N HIS A 65 10.58 -15.33 15.64
CA HIS A 65 10.10 -15.47 17.02
C HIS A 65 10.01 -16.96 17.35
N PRO A 66 10.75 -17.42 18.38
CA PRO A 66 10.91 -18.86 18.62
C PRO A 66 9.61 -19.64 18.77
N GLN A 67 8.60 -19.05 19.41
CA GLN A 67 7.31 -19.74 19.60
C GLN A 67 6.33 -19.64 18.44
N THR A 68 6.39 -18.57 17.66
CA THR A 68 5.39 -18.32 16.61
C THR A 68 5.91 -18.34 15.17
N GLY A 69 7.22 -18.45 14.99
CA GLY A 69 7.79 -18.51 13.65
C GLY A 69 8.11 -17.12 13.10
N ILE A 70 8.12 -17.00 11.78
CA ILE A 70 8.62 -15.79 11.12
C ILE A 70 7.52 -14.75 10.92
N ILE A 71 7.72 -13.57 11.51
CA ILE A 71 6.79 -12.47 11.43
C ILE A 71 7.32 -11.43 10.42
N PRO A 72 6.51 -11.07 9.40
CA PRO A 72 7.01 -10.10 8.43
C PRO A 72 6.98 -8.61 8.89
N PRO A 73 7.71 -7.75 8.18
CA PRO A 73 7.89 -6.37 8.64
C PRO A 73 6.62 -5.52 8.78
N ASP A 74 5.61 -5.74 7.94
CA ASP A 74 4.37 -4.98 8.06
C ASP A 74 3.68 -5.12 9.41
N GLN A 75 3.97 -6.21 10.15
CA GLN A 75 3.40 -6.44 11.48
C GLN A 75 4.27 -5.95 12.66
N PHE A 76 5.29 -5.13 12.38
CA PHE A 76 6.08 -4.49 13.43
C PHE A 76 6.90 -3.25 13.07
N ILE A 77 7.30 -3.07 11.82
CA ILE A 77 8.11 -1.92 11.44
C ILE A 77 7.44 -0.59 11.80
N PRO A 78 6.15 -0.44 11.47
CA PRO A 78 5.54 0.85 11.82
C PRO A 78 5.63 1.19 13.32
N LEU A 79 5.47 0.21 14.20
CA LEU A 79 5.62 0.47 15.63
C LEU A 79 7.09 0.67 16.00
N ALA A 80 7.99 -0.07 15.33
CA ALA A 80 9.40 0.14 15.57
C ALA A 80 9.77 1.59 15.25
N GLU A 81 9.23 2.10 14.15
CA GLU A 81 9.46 3.49 13.77
C GLU A 81 8.88 4.50 14.79
N SER A 82 7.60 4.38 15.12
CA SER A 82 6.97 5.37 16.03
C SER A 82 7.50 5.31 17.49
N SER A 83 7.98 4.14 17.90
CA SER A 83 8.52 3.96 19.24
C SER A 83 9.98 4.39 19.38
N GLY A 84 10.69 4.52 18.25
CA GLY A 84 12.11 4.78 18.26
C GLY A 84 12.99 3.54 18.24
N LEU A 85 12.39 2.37 18.41
CA LEU A 85 13.15 1.14 18.55
C LEU A 85 13.79 0.71 17.25
N ILE A 86 13.28 1.23 16.16
CA ILE A 86 13.87 1.01 14.84
C ILE A 86 15.35 1.32 14.81
N VAL A 87 15.80 2.31 15.57
CA VAL A 87 17.19 2.73 15.61
C VAL A 87 18.08 1.57 16.02
N ILE A 88 17.71 0.91 17.13
CA ILE A 88 18.45 -0.24 17.61
C ILE A 88 18.34 -1.40 16.62
N MET A 89 17.14 -1.58 16.05
CA MET A 89 16.89 -2.67 15.12
C MET A 89 17.80 -2.61 13.90
N THR A 90 17.85 -1.43 13.29
CA THR A 90 18.65 -1.21 12.08
C THR A 90 20.14 -1.35 12.39
N ARG A 91 20.57 -0.87 13.55
CA ARG A 91 21.95 -1.06 13.97
C ARG A 91 22.30 -2.57 14.02
N GLN A 92 21.44 -3.36 14.67
CA GLN A 92 21.63 -4.82 14.69
C GLN A 92 21.64 -5.46 13.28
N LEU A 93 20.73 -5.02 12.43
CA LEU A 93 20.64 -5.55 11.08
C LEU A 93 21.90 -5.26 10.27
N MET A 94 22.48 -4.08 10.46
CA MET A 94 23.68 -3.73 9.75
C MET A 94 24.87 -4.57 10.26
N LYS A 95 25.00 -4.73 11.56
CA LYS A 95 26.04 -5.61 12.11
C LYS A 95 25.89 -7.03 11.59
N GLN A 96 24.67 -7.57 11.72
CA GLN A 96 24.39 -8.92 11.25
C GLN A 96 24.64 -9.09 9.75
N THR A 97 24.25 -8.11 8.93
CA THR A 97 24.51 -8.22 7.47
C THR A 97 26.00 -8.35 7.15
N ALA A 98 26.79 -7.54 7.86
CA ALA A 98 28.25 -7.57 7.76
C ALA A 98 28.74 -8.94 8.21
N ASP A 99 28.22 -9.44 9.32
CA ASP A 99 28.63 -10.77 9.81
C ASP A 99 28.33 -11.89 8.80
N ILE A 100 27.21 -11.76 8.10
CA ILE A 100 26.84 -12.77 7.12
C ILE A 100 27.79 -12.66 5.91
N LEU A 101 28.10 -11.45 5.46
CA LEU A 101 28.81 -11.30 4.19
C LEU A 101 30.33 -11.28 4.32
N MET A 102 30.83 -10.96 5.50
N MET A 102 30.83 -10.96 5.50
CA MET A 102 32.27 -10.92 5.75
CA MET A 102 32.28 -10.94 5.74
C MET A 102 33.03 -12.19 5.31
C MET A 102 33.02 -12.20 5.30
N PRO A 103 32.48 -13.39 5.61
CA PRO A 103 33.19 -14.59 5.23
C PRO A 103 33.24 -14.86 3.73
N VAL A 104 32.40 -14.20 2.94
CA VAL A 104 32.36 -14.44 1.51
C VAL A 104 32.60 -13.15 0.71
N LYS A 105 33.15 -12.13 1.36
CA LYS A 105 33.25 -10.82 0.70
C LYS A 105 34.14 -10.85 -0.55
N HIS A 106 35.17 -11.68 -0.50
CA HIS A 106 36.04 -11.87 -1.66
C HIS A 106 35.38 -12.58 -2.84
N LEU A 107 34.19 -13.17 -2.65
CA LEU A 107 33.51 -13.88 -3.71
C LEU A 107 32.40 -13.03 -4.33
N LEU A 108 32.12 -11.87 -3.72
CA LEU A 108 31.07 -11.01 -4.21
C LEU A 108 31.54 -10.41 -5.54
N PRO A 109 30.61 -10.12 -6.46
CA PRO A 109 31.00 -9.36 -7.64
C PRO A 109 31.50 -7.98 -7.28
N ASP A 110 32.31 -7.40 -8.15
CA ASP A 110 32.84 -6.07 -7.90
C ASP A 110 31.70 -5.08 -7.88
N ASN A 111 31.80 -4.08 -7.02
CA ASN A 111 30.76 -3.09 -6.86
C ASN A 111 29.43 -3.68 -6.38
N PHE A 112 29.49 -4.67 -5.48
CA PHE A 112 28.29 -5.31 -5.02
C PHE A 112 27.45 -4.35 -4.17
N HIS A 113 26.21 -4.09 -4.56
CA HIS A 113 25.39 -3.12 -3.81
C HIS A 113 24.66 -3.79 -2.67
N ILE A 114 24.68 -3.17 -1.50
CA ILE A 114 23.90 -3.67 -0.35
C ILE A 114 22.89 -2.64 0.03
N GLY A 115 21.62 -2.95 -0.25
CA GLY A 115 20.51 -2.07 0.11
C GLY A 115 19.99 -2.24 1.53
N ILE A 116 19.97 -1.16 2.29
CA ILE A 116 19.46 -1.16 3.68
C ILE A 116 18.34 -0.16 3.77
N ASN A 117 17.19 -0.63 4.23
CA ASN A 117 16.08 0.28 4.45
C ASN A 117 16.32 1.16 5.64
N VAL A 118 16.36 2.46 5.41
CA VAL A 118 16.64 3.43 6.46
C VAL A 118 15.48 4.37 6.72
N SER A 119 14.83 4.25 7.89
CA SER A 119 13.79 5.20 8.21
C SER A 119 14.36 6.53 8.74
N ALA A 120 13.50 7.52 8.82
CA ALA A 120 13.86 8.86 9.27
C ALA A 120 14.57 8.90 10.63
N GLY A 121 14.06 8.17 11.61
CA GLY A 121 14.72 8.07 12.92
C GLY A 121 16.15 7.56 12.88
N CYS A 122 16.41 6.61 12.00
CA CYS A 122 17.76 6.03 11.90
C CYS A 122 18.69 7.05 11.33
N PHE A 123 18.24 7.64 10.24
CA PHE A 123 19.04 8.61 9.49
C PHE A 123 19.50 9.73 10.38
N LEU A 124 18.61 10.17 11.25
CA LEU A 124 18.85 11.37 12.07
C LEU A 124 19.57 11.08 13.39
N ALA A 125 19.74 9.81 13.74
CA ALA A 125 20.36 9.47 15.01
C ALA A 125 21.85 9.73 14.98
N ALA A 126 22.37 10.27 16.08
CA ALA A 126 23.81 10.47 16.21
C ALA A 126 24.53 9.12 16.05
N GLY A 127 25.61 9.10 15.30
CA GLY A 127 26.38 7.88 15.15
C GLY A 127 25.91 6.98 14.01
N PHE A 128 24.83 7.38 13.33
CA PHE A 128 24.36 6.63 12.19
C PHE A 128 25.48 6.47 11.15
N GLU A 129 26.14 7.56 10.82
CA GLU A 129 27.15 7.52 9.74
C GLU A 129 28.28 6.59 10.11
N LYS A 130 28.66 6.56 11.38
CA LYS A 130 29.71 5.66 11.86
C LYS A 130 29.31 4.19 11.71
N GLU A 131 28.04 3.88 11.94
CA GLU A 131 27.54 2.53 11.71
C GLU A 131 27.58 2.13 10.22
N CYS A 132 27.26 3.07 9.34
CA CYS A 132 27.39 2.82 7.88
C CYS A 132 28.83 2.54 7.46
N LEU A 133 29.74 3.38 7.95
CA LEU A 133 31.16 3.23 7.63
C LEU A 133 31.71 1.90 8.16
N ASN A 134 31.23 1.48 9.32
CA ASN A 134 31.66 0.22 9.89
C ASN A 134 31.30 -0.95 9.00
N LEU A 135 30.08 -0.95 8.45
CA LEU A 135 29.68 -2.01 7.54
C LEU A 135 30.54 -2.00 6.29
N VAL A 136 30.77 -0.82 5.73
CA VAL A 136 31.55 -0.65 4.51
C VAL A 136 32.98 -1.13 4.73
N ASN A 137 33.57 -0.71 5.85
CA ASN A 137 34.96 -1.07 6.15
C ASN A 137 35.17 -2.55 6.38
N LYS A 138 34.15 -3.25 6.89
CA LYS A 138 34.23 -4.70 7.13
C LYS A 138 34.20 -5.48 5.83
N LEU A 139 33.44 -4.98 4.85
CA LEU A 139 33.27 -5.69 3.61
C LEU A 139 34.22 -5.23 2.53
N GLY A 140 34.66 -3.97 2.62
CA GLY A 140 35.65 -3.42 1.70
C GLY A 140 35.10 -2.28 0.87
N ASN A 141 35.61 -1.07 1.10
CA ASN A 141 35.17 0.08 0.35
C ASN A 141 35.42 -0.09 -1.15
N ASP A 142 36.55 -0.67 -1.49
CA ASP A 142 36.91 -0.97 -2.88
C ASP A 142 35.99 -2.02 -3.51
N LYS A 143 35.21 -2.72 -2.67
CA LYS A 143 34.50 -3.92 -3.09
C LYS A 143 32.97 -3.77 -3.18
N ILE A 144 32.36 -3.28 -2.11
CA ILE A 144 30.91 -3.10 -2.07
C ILE A 144 30.51 -1.64 -2.21
N LYS A 145 29.21 -1.41 -2.40
CA LYS A 145 28.62 -0.08 -2.36
C LYS A 145 27.42 -0.19 -1.41
N LEU A 146 27.43 0.55 -0.30
CA LEU A 146 26.26 0.64 0.58
C LEU A 146 25.22 1.59 -0.01
N VAL A 147 24.00 1.09 -0.11
CA VAL A 147 22.88 1.87 -0.64
C VAL A 147 21.84 2.02 0.45
N LEU A 148 21.64 3.27 0.87
CA LEU A 148 20.63 3.54 1.88
C LEU A 148 19.29 3.84 1.20
N GLU A 149 18.32 2.96 1.42
CA GLU A 149 17.01 3.05 0.78
C GLU A 149 16.09 3.89 1.65
N LEU A 150 15.68 5.03 1.11
CA LEU A 150 14.83 5.99 1.83
C LEU A 150 13.42 5.96 1.23
N THR A 151 12.45 6.47 1.98
CA THR A 151 11.06 6.53 1.47
C THR A 151 10.45 7.89 1.79
N GLU A 152 9.52 8.31 0.92
CA GLU A 152 8.72 9.51 1.15
C GLU A 152 7.62 9.31 2.20
N ARG A 153 7.33 8.07 2.53
CA ARG A 153 6.36 7.78 3.62
C ARG A 153 7.03 7.99 5.00
N ASN A 154 6.43 8.85 5.82
CA ASN A 154 7.06 9.26 7.08
C ASN A 154 8.54 9.67 6.85
N PRO A 155 8.74 10.70 6.04
CA PRO A 155 10.11 10.92 5.51
C PRO A 155 11.06 11.66 6.41
N ILE A 156 12.31 11.65 6.02
CA ILE A 156 13.26 12.59 6.56
C ILE A 156 12.74 13.99 6.17
N PRO A 157 12.66 14.91 7.15
CA PRO A 157 12.23 16.28 6.84
C PRO A 157 13.27 17.12 6.09
N VAL A 158 12.78 18.06 5.28
CA VAL A 158 13.66 18.95 4.51
C VAL A 158 14.11 20.11 5.38
N THR A 159 15.26 19.89 6.02
CA THR A 159 15.94 20.87 6.86
C THR A 159 17.42 20.91 6.46
N PRO A 160 18.10 22.06 6.66
CA PRO A 160 19.55 22.09 6.40
C PRO A 160 20.33 21.02 7.19
N GLU A 161 19.83 20.71 8.37
CA GLU A 161 20.40 19.71 9.26
C GLU A 161 20.35 18.29 8.62
N ALA A 162 19.19 17.93 8.09
CA ALA A 162 19.00 16.66 7.39
C ALA A 162 19.88 16.57 6.13
N ARG A 163 19.91 17.63 5.33
N ARG A 163 19.90 17.63 5.34
CA ARG A 163 20.74 17.66 4.12
CA ARG A 163 20.71 17.67 4.13
C ARG A 163 22.23 17.55 4.41
C ARG A 163 22.22 17.58 4.40
N ALA A 164 22.66 18.07 5.56
CA ALA A 164 24.06 17.94 5.97
C ALA A 164 24.44 16.48 6.26
N ILE A 165 23.55 15.73 6.92
CA ILE A 165 23.77 14.29 7.16
C ILE A 165 23.90 13.55 5.81
N PHE A 166 23.00 13.87 4.89
CA PHE A 166 22.90 13.24 3.59
C PHE A 166 24.20 13.52 2.82
N ASP A 167 24.65 14.77 2.84
CA ASP A 167 25.86 15.18 2.12
C ASP A 167 27.11 14.51 2.70
N SER A 168 27.19 14.44 4.03
CA SER A 168 28.31 13.78 4.67
C SER A 168 28.38 12.30 4.27
N LEU A 169 27.23 11.63 4.23
CA LEU A 169 27.21 10.23 3.83
C LEU A 169 27.70 10.08 2.39
N HIS A 170 27.20 10.93 1.50
CA HIS A 170 27.66 10.95 0.10
C HIS A 170 29.18 11.16 0.02
N GLN A 171 29.71 12.07 0.83
CA GLN A 171 31.15 12.35 0.79
C GLN A 171 32.00 11.18 1.28
N HIS A 172 31.38 10.24 1.99
CA HIS A 172 32.02 9.04 2.46
C HIS A 172 31.71 7.83 1.58
N ASN A 173 31.31 8.11 0.33
CA ASN A 173 31.10 7.09 -0.69
C ASN A 173 29.91 6.17 -0.40
N ILE A 174 28.99 6.62 0.45
CA ILE A 174 27.73 5.90 0.66
C ILE A 174 26.71 6.45 -0.32
N THR A 175 25.82 5.60 -0.84
CA THR A 175 24.83 6.07 -1.78
C THR A 175 23.43 5.87 -1.26
N PHE A 176 22.44 6.33 -2.01
CA PHE A 176 21.05 6.31 -1.58
C PHE A 176 20.10 5.89 -2.70
N ALA A 177 19.01 5.22 -2.32
CA ALA A 177 17.91 4.92 -3.24
C ALA A 177 16.61 5.53 -2.72
N LEU A 178 15.73 5.90 -3.64
CA LEU A 178 14.34 6.20 -3.28
C LEU A 178 13.41 5.02 -3.51
N ASP A 179 12.85 4.48 -2.42
CA ASP A 179 11.84 3.42 -2.48
C ASP A 179 10.49 3.90 -3.03
N ASP A 180 9.73 2.96 -3.59
CA ASP A 180 8.30 3.19 -3.89
C ASP A 180 8.04 4.47 -4.71
N PHE A 181 8.92 4.67 -5.69
CA PHE A 181 8.77 5.78 -6.61
C PHE A 181 7.43 5.68 -7.29
N GLY A 182 6.70 6.79 -7.30
CA GLY A 182 5.45 6.90 -8.04
C GLY A 182 4.28 7.01 -7.09
N THR A 183 4.57 6.91 -5.81
CA THR A 183 3.55 6.91 -4.77
C THR A 183 3.69 8.10 -3.82
N GLY A 184 4.75 8.91 -3.93
CA GLY A 184 5.02 10.02 -3.03
C GLY A 184 4.29 11.30 -3.39
N TYR A 185 4.01 12.16 -2.40
CA TYR A 185 3.19 13.34 -2.61
C TYR A 185 3.91 14.49 -3.33
N ALA A 186 5.20 14.62 -3.08
CA ALA A 186 5.99 15.69 -3.70
C ALA A 186 7.42 15.24 -4.00
N THR A 187 7.54 14.40 -5.04
CA THR A 187 8.74 13.62 -5.29
C THR A 187 9.88 14.46 -5.87
N TYR A 188 9.56 15.41 -6.71
CA TYR A 188 10.54 16.35 -7.19
C TYR A 188 11.16 17.15 -6.05
N ARG A 189 10.29 17.71 -5.19
CA ARG A 189 10.77 18.43 -4.02
C ARG A 189 11.67 17.55 -3.18
N TYR A 190 11.26 16.29 -2.99
CA TYR A 190 12.02 15.34 -2.19
C TYR A 190 13.41 15.11 -2.78
N LEU A 191 13.45 14.83 -4.07
CA LEU A 191 14.73 14.57 -4.76
C LEU A 191 15.61 15.82 -4.80
N GLN A 192 15.00 17.00 -4.83
CA GLN A 192 15.75 18.25 -4.75
C GLN A 192 16.52 18.34 -3.44
N ALA A 193 15.87 17.94 -2.36
CA ALA A 193 16.43 17.98 -1.02
C ALA A 193 17.41 16.83 -0.82
N PHE A 194 17.06 15.67 -1.37
CA PHE A 194 17.79 14.43 -1.17
C PHE A 194 18.10 13.78 -2.50
N PRO A 195 19.13 14.29 -3.20
CA PRO A 195 19.46 13.81 -4.55
C PRO A 195 20.07 12.39 -4.52
N VAL A 196 19.19 11.39 -4.50
CA VAL A 196 19.60 10.00 -4.41
C VAL A 196 20.23 9.51 -5.70
N ASP A 197 20.77 8.30 -5.64
CA ASP A 197 21.53 7.72 -6.74
C ASP A 197 20.76 6.66 -7.53
N PHE A 198 19.71 6.13 -6.92
CA PHE A 198 18.89 5.10 -7.54
C PHE A 198 17.43 5.40 -7.27
N ILE A 199 16.58 5.11 -8.26
CA ILE A 199 15.14 5.18 -8.14
C ILE A 199 14.56 3.80 -8.25
N LYS A 200 13.81 3.34 -7.23
CA LYS A 200 13.17 2.03 -7.24
C LYS A 200 11.69 2.25 -7.53
N ILE A 201 11.26 1.80 -8.70
N ILE A 201 11.26 1.80 -8.70
CA ILE A 201 9.86 1.94 -9.06
CA ILE A 201 9.87 1.93 -9.09
C ILE A 201 9.00 1.06 -8.16
C ILE A 201 8.99 1.06 -8.17
N ASP A 202 7.91 1.62 -7.66
CA ASP A 202 6.99 0.88 -6.79
C ASP A 202 6.45 -0.32 -7.56
N LYS A 203 6.36 -1.42 -6.84
CA LYS A 203 5.92 -2.68 -7.37
C LYS A 203 4.59 -2.59 -8.10
N SER A 204 3.68 -1.77 -7.58
CA SER A 204 2.38 -1.62 -8.24
C SER A 204 2.51 -1.30 -9.74
N PHE A 205 3.44 -0.41 -10.05
CA PHE A 205 3.66 0.00 -11.44
C PHE A 205 4.47 -1.01 -12.23
N VAL A 206 5.44 -1.62 -11.56
CA VAL A 206 6.28 -2.64 -12.23
C VAL A 206 5.42 -3.78 -12.78
N GLN A 207 4.31 -4.07 -12.10
CA GLN A 207 3.44 -5.19 -12.48
C GLN A 207 2.32 -4.85 -13.45
N MET A 208 2.22 -3.58 -13.86
CA MET A 208 1.17 -3.18 -14.83
C MET A 208 1.39 -3.69 -16.26
N ALA A 209 0.31 -4.17 -16.86
CA ALA A 209 0.30 -4.66 -18.26
C ALA A 209 0.50 -3.53 -19.27
N SER A 210 1.57 -3.62 -20.08
CA SER A 210 1.84 -2.60 -21.10
C SER A 210 0.70 -2.41 -22.06
N VAL A 211 0.02 -3.48 -22.41
CA VAL A 211 -1.06 -3.36 -23.42
C VAL A 211 -2.34 -2.75 -22.87
N ASP A 212 -2.46 -2.69 -21.56
CA ASP A 212 -3.68 -2.17 -20.95
C ASP A 212 -3.85 -0.68 -21.21
N GLU A 213 -5.01 -0.34 -21.73
CA GLU A 213 -5.33 1.02 -22.14
C GLU A 213 -5.40 2.01 -20.97
N ILE A 214 -5.43 1.52 -19.74
CA ILE A 214 -5.22 2.39 -18.59
C ILE A 214 -3.86 2.12 -17.96
N SER A 215 -3.65 0.88 -17.51
CA SER A 215 -2.48 0.59 -16.67
C SER A 215 -1.16 0.74 -17.44
N GLY A 216 -1.18 0.48 -18.76
CA GLY A 216 0.03 0.62 -19.57
C GLY A 216 0.47 2.07 -19.67
N HIS A 217 -0.50 3.00 -19.68
CA HIS A 217 -0.17 4.42 -19.69
C HIS A 217 0.36 4.89 -18.36
N ILE A 218 -0.14 4.31 -17.26
CA ILE A 218 0.39 4.66 -15.94
C ILE A 218 1.85 4.26 -15.80
N VAL A 219 2.18 2.99 -16.03
CA VAL A 219 3.55 2.57 -15.90
C VAL A 219 4.47 3.32 -16.88
N ASP A 220 3.97 3.57 -18.08
CA ASP A 220 4.75 4.37 -19.05
C ASP A 220 5.15 5.72 -18.45
N ASN A 221 4.18 6.39 -17.85
CA ASN A 221 4.35 7.70 -17.29
C ASN A 221 5.31 7.67 -16.11
N ILE A 222 5.12 6.72 -15.21
CA ILE A 222 6.00 6.62 -14.04
C ILE A 222 7.45 6.38 -14.44
N VAL A 223 7.69 5.43 -15.34
CA VAL A 223 9.05 5.13 -15.79
C VAL A 223 9.71 6.34 -16.48
N GLU A 224 8.94 7.09 -17.27
CA GLU A 224 9.50 8.29 -17.92
C GLU A 224 9.88 9.35 -16.90
N LEU A 225 9.04 9.56 -15.89
CA LEU A 225 9.35 10.49 -14.80
C LEU A 225 10.60 10.05 -14.00
N ALA A 226 10.85 8.75 -13.98
CA ALA A 226 12.00 8.21 -13.22
C ALA A 226 13.34 8.45 -13.94
N ARG A 227 13.29 8.68 -15.25
CA ARG A 227 14.52 8.95 -16.04
C ARG A 227 15.21 10.32 -15.78
N LYS A 228 16.21 10.33 -14.90
CA LYS A 228 16.86 11.56 -14.47
C LYS A 228 18.35 11.36 -14.59
N PRO A 229 19.10 12.42 -14.94
CA PRO A 229 20.52 12.14 -15.19
C PRO A 229 21.23 11.53 -13.98
N GLY A 230 21.93 10.42 -14.26
CA GLY A 230 22.80 9.75 -13.28
C GLY A 230 22.06 8.77 -12.38
N LEU A 231 20.75 8.79 -12.47
CA LEU A 231 19.94 7.91 -11.63
C LEU A 231 19.72 6.62 -12.37
N SER A 232 20.07 5.54 -11.71
CA SER A 232 19.81 4.20 -12.11
C SER A 232 18.46 3.78 -11.58
N ILE A 233 17.73 3.06 -12.41
CA ILE A 233 16.39 2.69 -12.07
C ILE A 233 16.40 1.22 -11.72
N VAL A 234 15.72 0.86 -10.63
CA VAL A 234 15.51 -0.51 -10.25
C VAL A 234 14.04 -0.78 -10.37
N ALA A 235 13.68 -1.81 -11.12
CA ALA A 235 12.34 -2.34 -11.11
C ALA A 235 12.26 -3.40 -10.02
N GLU A 236 11.50 -3.11 -8.97
N GLU A 236 11.50 -3.11 -8.94
CA GLU A 236 11.32 -4.03 -7.89
CA GLU A 236 11.38 -4.00 -7.78
C GLU A 236 9.93 -4.64 -8.03
C GLU A 236 9.95 -4.54 -7.57
N GLY A 237 9.83 -5.87 -7.58
CA GLY A 237 8.56 -6.58 -7.59
C GLY A 237 8.26 -7.32 -8.89
N VAL A 238 9.30 -7.69 -9.63
CA VAL A 238 9.14 -8.41 -10.89
C VAL A 238 8.73 -9.85 -10.61
N GLU A 239 7.54 -10.22 -11.08
CA GLU A 239 6.97 -11.55 -10.79
C GLU A 239 6.86 -12.45 -12.02
N THR A 240 6.90 -11.87 -13.22
CA THR A 240 6.76 -12.67 -14.44
C THR A 240 7.74 -12.15 -15.46
N GLN A 241 8.09 -13.00 -16.42
CA GLN A 241 9.02 -12.64 -17.48
C GLN A 241 8.49 -11.49 -18.34
N GLU A 242 7.17 -11.43 -18.48
N GLU A 242 7.18 -11.42 -18.48
CA GLU A 242 6.54 -10.36 -19.26
CA GLU A 242 6.57 -10.33 -19.25
C GLU A 242 6.73 -8.98 -18.55
C GLU A 242 6.76 -8.97 -18.55
N GLN A 243 6.67 -8.95 -17.21
CA GLN A 243 7.00 -7.73 -16.42
C GLN A 243 8.49 -7.37 -16.61
N ALA A 244 9.34 -8.39 -16.57
CA ALA A 244 10.77 -8.21 -16.75
C ALA A 244 11.05 -7.66 -18.15
N ASP A 245 10.45 -8.28 -19.16
CA ASP A 245 10.60 -7.78 -20.55
C ASP A 245 10.17 -6.31 -20.71
N LEU A 246 9.06 -5.92 -20.11
CA LEU A 246 8.65 -4.51 -20.21
C LEU A 246 9.72 -3.60 -19.61
N MET A 247 10.19 -3.94 -18.42
CA MET A 247 11.17 -3.10 -17.74
C MET A 247 12.51 -3.05 -18.47
N ILE A 248 12.98 -4.22 -18.93
CA ILE A 248 14.24 -4.28 -19.70
C ILE A 248 14.12 -3.39 -20.94
N GLY A 249 12.99 -3.54 -21.65
CA GLY A 249 12.73 -2.74 -22.83
C GLY A 249 12.64 -1.25 -22.62
N LYS A 250 12.35 -0.83 -21.39
CA LYS A 250 12.33 0.60 -21.04
C LYS A 250 13.70 1.13 -20.60
N GLY A 251 14.72 0.29 -20.60
CA GLY A 251 16.06 0.72 -20.22
C GLY A 251 16.25 0.91 -18.72
N VAL A 252 15.45 0.20 -17.92
CA VAL A 252 15.71 0.11 -16.47
C VAL A 252 17.04 -0.63 -16.30
N HIS A 253 17.80 -0.31 -15.24
CA HIS A 253 19.16 -0.83 -15.05
C HIS A 253 19.24 -2.10 -14.20
N PHE A 254 18.32 -2.23 -13.25
CA PHE A 254 18.35 -3.35 -12.31
C PHE A 254 16.97 -3.94 -12.15
N LEU A 255 16.93 -5.24 -11.85
CA LEU A 255 15.72 -5.97 -11.58
C LEU A 255 15.77 -6.72 -10.23
N GLN A 256 14.64 -6.76 -9.55
CA GLN A 256 14.52 -7.37 -8.22
C GLN A 256 13.12 -7.94 -8.13
N GLY A 257 12.97 -9.18 -7.73
CA GLY A 257 11.62 -9.73 -7.57
C GLY A 257 11.53 -11.23 -7.38
N TYR A 258 10.31 -11.69 -7.09
CA TYR A 258 10.02 -13.10 -6.84
C TYR A 258 10.36 -13.98 -8.04
N LEU A 259 10.35 -13.41 -9.24
CA LEU A 259 10.69 -14.17 -10.43
C LEU A 259 12.09 -14.76 -10.27
N TYR A 260 12.97 -14.00 -9.64
CA TYR A 260 14.35 -14.41 -9.47
C TYR A 260 14.46 -15.11 -8.14
N SER A 261 14.14 -14.40 -7.08
CA SER A 261 14.00 -15.00 -5.74
C SER A 261 13.29 -14.04 -4.77
N PRO A 262 12.41 -14.58 -3.92
CA PRO A 262 12.03 -13.81 -2.74
C PRO A 262 13.28 -13.59 -1.87
N PRO A 263 13.17 -12.72 -0.85
CA PRO A 263 14.20 -12.68 0.16
C PRO A 263 14.38 -14.05 0.80
N VAL A 264 15.63 -14.37 1.11
CA VAL A 264 15.96 -15.66 1.77
C VAL A 264 16.91 -15.42 2.93
N PRO A 265 17.04 -16.40 3.87
CA PRO A 265 18.01 -16.27 4.96
C PRO A 265 19.45 -16.12 4.46
N GLY A 266 20.32 -15.52 5.28
CA GLY A 266 21.72 -15.31 4.90
C GLY A 266 22.40 -16.49 4.26
N ASN A 267 22.34 -17.65 4.90
CA ASN A 267 23.10 -18.79 4.40
C ASN A 267 22.59 -19.21 3.01
N LYS A 268 21.28 -19.07 2.82
CA LYS A 268 20.66 -19.50 1.60
C LYS A 268 21.00 -18.48 0.52
N PHE A 269 21.11 -17.22 0.89
CA PHE A 269 21.54 -16.21 -0.07
C PHE A 269 22.95 -16.52 -0.56
N ILE A 270 23.82 -16.91 0.37
CA ILE A 270 25.19 -17.23 -0.01
C ILE A 270 25.19 -18.46 -0.91
N SER A 271 24.56 -19.52 -0.46
CA SER A 271 24.52 -20.78 -1.22
C SER A 271 23.87 -20.69 -2.60
N GLU A 272 22.80 -19.91 -2.71
CA GLU A 272 22.04 -19.86 -3.95
C GLU A 272 22.37 -18.71 -4.89
N TRP A 273 23.03 -17.65 -4.42
CA TRP A 273 23.34 -16.50 -5.29
C TRP A 273 24.77 -16.08 -5.34
N VAL A 274 25.42 -15.95 -4.18
CA VAL A 274 26.84 -15.57 -4.18
C VAL A 274 27.67 -16.68 -4.86
N MET A 275 27.28 -17.92 -4.63
CA MET A 275 27.99 -19.08 -5.13
C MET A 275 27.55 -19.50 -6.53
N LYS A 276 26.32 -19.17 -6.94
CA LYS A 276 25.87 -19.53 -8.31
C LYS A 276 26.30 -18.45 -9.28
N TYR B 21 -0.12 -2.91 19.84
CA TYR B 21 -0.38 -1.89 18.80
C TYR B 21 -0.49 -2.59 17.44
N HIS B 22 0.39 -3.55 17.17
CA HIS B 22 0.27 -4.43 15.99
C HIS B 22 -0.31 -5.76 16.48
N HIS B 23 -1.42 -6.18 15.89
CA HIS B 23 -2.16 -7.35 16.35
C HIS B 23 -1.97 -8.51 15.37
N ILE B 24 -1.42 -9.62 15.86
CA ILE B 24 -1.11 -10.80 15.04
C ILE B 24 -2.12 -11.87 15.40
N VAL B 25 -3.04 -12.09 14.47
CA VAL B 25 -4.38 -12.58 14.79
C VAL B 25 -4.53 -13.87 13.98
N THR B 26 -5.38 -14.80 14.42
CA THR B 26 -5.59 -16.06 13.71
C THR B 26 -7.05 -16.16 13.27
N PRO B 27 -7.36 -17.10 12.37
CA PRO B 27 -8.76 -17.31 12.01
C PRO B 27 -9.65 -17.58 13.21
N GLU B 28 -9.12 -18.31 14.20
CA GLU B 28 -9.86 -18.62 15.42
C GLU B 28 -10.20 -17.35 16.22
N ALA B 29 -9.28 -16.38 16.23
CA ALA B 29 -9.53 -15.11 16.91
C ALA B 29 -10.61 -14.30 16.20
N ILE B 30 -10.57 -14.26 14.87
CA ILE B 30 -11.57 -13.51 14.09
C ILE B 30 -12.94 -14.17 14.27
N SER B 31 -12.97 -15.49 14.18
CA SER B 31 -14.23 -16.23 14.30
C SER B 31 -14.94 -15.99 15.64
N LEU B 32 -14.17 -15.99 16.73
CA LEU B 32 -14.70 -15.69 18.06
C LEU B 32 -15.22 -14.26 18.17
N ALA B 33 -14.46 -13.32 17.59
CA ALA B 33 -14.86 -11.93 17.53
C ALA B 33 -16.17 -11.74 16.73
N LEU B 34 -16.36 -12.52 15.68
CA LEU B 34 -17.61 -12.52 14.92
C LEU B 34 -18.77 -13.08 15.74
N GLU B 35 -18.50 -14.14 16.48
CA GLU B 35 -19.48 -14.70 17.42
C GLU B 35 -19.91 -13.64 18.44
N ASN B 36 -18.95 -12.86 18.92
CA ASN B 36 -19.20 -11.73 19.83
C ASN B 36 -19.60 -10.40 19.16
N HIS B 37 -19.81 -10.42 17.85
CA HIS B 37 -20.17 -9.22 17.06
C HIS B 37 -19.29 -7.99 17.35
N GLU B 38 -17.98 -8.18 17.38
CA GLU B 38 -17.03 -7.13 17.71
C GLU B 38 -16.60 -6.31 16.50
N PHE B 39 -17.01 -6.73 15.31
CA PHE B 39 -16.72 -5.99 14.08
C PHE B 39 -17.85 -5.01 13.80
N LYS B 40 -17.56 -3.72 13.92
CA LYS B 40 -18.57 -2.68 13.86
C LYS B 40 -18.38 -1.87 12.58
N PRO B 41 -19.47 -1.43 11.99
CA PRO B 41 -19.32 -0.51 10.83
C PRO B 41 -19.06 0.90 11.34
N TRP B 42 -17.96 1.52 10.94
CA TRP B 42 -17.78 2.95 11.10
C TRP B 42 -18.15 3.52 9.75
N ILE B 43 -18.40 4.82 9.68
CA ILE B 43 -18.97 5.42 8.47
C ILE B 43 -18.26 6.73 8.17
N GLN B 44 -17.83 6.91 6.93
CA GLN B 44 -17.20 8.15 6.52
C GLN B 44 -18.12 8.83 5.53
N PRO B 45 -18.44 10.13 5.75
CA PRO B 45 -19.25 10.83 4.76
C PRO B 45 -18.60 11.14 3.39
N VAL B 46 -19.44 11.20 2.36
CA VAL B 46 -19.00 11.53 1.01
C VAL B 46 -19.86 12.68 0.57
N PHE B 47 -19.27 13.59 -0.19
CA PHE B 47 -19.87 14.88 -0.51
C PHE B 47 -19.81 15.17 -1.98
N CYS B 48 -20.80 15.93 -2.46
CA CYS B 48 -20.80 16.45 -3.83
C CYS B 48 -19.65 17.47 -3.98
N ALA B 49 -18.84 17.31 -5.02
CA ALA B 49 -17.68 18.18 -5.20
C ALA B 49 -18.09 19.61 -5.56
N GLN B 50 -19.20 19.76 -6.27
CA GLN B 50 -19.61 21.08 -6.74
C GLN B 50 -20.38 21.88 -5.70
N THR B 51 -21.21 21.20 -4.89
CA THR B 51 -22.09 21.90 -3.94
C THR B 51 -21.70 21.70 -2.48
N GLY B 52 -20.87 20.70 -2.19
CA GLY B 52 -20.45 20.43 -0.80
C GLY B 52 -21.44 19.64 0.04
N VAL B 53 -22.60 19.32 -0.50
CA VAL B 53 -23.65 18.65 0.31
C VAL B 53 -23.38 17.16 0.50
N LEU B 54 -23.83 16.62 1.63
CA LEU B 54 -23.74 15.18 1.90
C LEU B 54 -24.48 14.39 0.82
N THR B 55 -23.79 13.49 0.12
CA THR B 55 -24.42 12.60 -0.90
C THR B 55 -24.41 11.12 -0.52
N GLY B 56 -23.55 10.76 0.41
CA GLY B 56 -23.34 9.36 0.71
C GLY B 56 -22.39 9.09 1.84
N CYS B 57 -21.90 7.86 1.85
CA CYS B 57 -20.96 7.41 2.86
C CYS B 57 -20.21 6.15 2.39
N GLU B 58 -19.09 5.84 3.03
CA GLU B 58 -18.43 4.56 2.90
C GLU B 58 -18.40 3.92 4.29
N VAL B 59 -18.77 2.65 4.34
CA VAL B 59 -18.71 1.86 5.59
C VAL B 59 -17.32 1.22 5.70
N LEU B 60 -16.65 1.43 6.84
CA LEU B 60 -15.30 0.92 7.05
C LEU B 60 -15.32 0.19 8.35
N VAL B 61 -14.89 -1.07 8.30
CA VAL B 61 -14.96 -1.95 9.46
C VAL B 61 -13.91 -1.59 10.53
N ARG B 62 -14.32 -1.73 11.79
CA ARG B 62 -13.42 -1.56 12.93
C ARG B 62 -13.66 -2.70 13.89
N TRP B 63 -12.57 -3.30 14.38
CA TRP B 63 -12.69 -4.37 15.35
C TRP B 63 -12.60 -3.68 16.71
N GLU B 64 -13.72 -3.61 17.41
CA GLU B 64 -13.76 -3.04 18.76
C GLU B 64 -13.63 -4.19 19.72
N HIS B 65 -12.37 -4.51 20.05
CA HIS B 65 -12.01 -5.63 20.91
C HIS B 65 -12.03 -5.15 22.36
N PRO B 66 -12.91 -5.73 23.21
CA PRO B 66 -13.16 -5.18 24.56
C PRO B 66 -11.91 -4.99 25.42
N GLN B 67 -10.96 -5.92 25.35
CA GLN B 67 -9.73 -5.83 26.14
C GLN B 67 -8.64 -4.92 25.57
N THR B 68 -8.58 -4.78 24.25
CA THR B 68 -7.46 -4.04 23.61
C THR B 68 -7.87 -2.76 22.86
N GLY B 69 -9.17 -2.50 22.71
CA GLY B 69 -9.62 -1.29 22.01
C GLY B 69 -9.81 -1.52 20.52
N ILE B 70 -9.70 -0.44 19.74
CA ILE B 70 -10.09 -0.47 18.32
C ILE B 70 -8.93 -0.89 17.41
N ILE B 71 -9.11 -2.00 16.70
CA ILE B 71 -8.12 -2.52 15.76
C ILE B 71 -8.53 -2.16 14.31
N PRO B 72 -7.64 -1.53 13.54
CA PRO B 72 -8.02 -1.13 12.19
C PRO B 72 -7.94 -2.28 11.15
N PRO B 73 -8.59 -2.09 10.02
CA PRO B 73 -8.74 -3.20 9.05
C PRO B 73 -7.43 -3.80 8.51
N ASP B 74 -6.39 -2.99 8.35
CA ASP B 74 -5.12 -3.52 7.83
C ASP B 74 -4.53 -4.65 8.69
N GLN B 75 -4.94 -4.72 9.95
CA GLN B 75 -4.45 -5.75 10.88
C GLN B 75 -5.36 -6.99 11.00
N PHE B 76 -6.32 -7.15 10.08
CA PHE B 76 -7.16 -8.35 10.03
C PHE B 76 -7.89 -8.65 8.71
N ILE B 77 -8.20 -7.63 7.90
CA ILE B 77 -8.92 -7.89 6.66
C ILE B 77 -8.20 -8.91 5.78
N PRO B 78 -6.88 -8.75 5.60
CA PRO B 78 -6.25 -9.71 4.69
C PRO B 78 -6.43 -11.16 5.15
N LEU B 79 -6.38 -11.42 6.46
CA LEU B 79 -6.62 -12.77 6.97
C LEU B 79 -8.09 -13.13 6.87
N ALA B 80 -8.98 -12.17 7.08
CA ALA B 80 -10.40 -12.42 6.90
C ALA B 80 -10.69 -12.87 5.46
N GLU B 81 -10.05 -12.20 4.49
CA GLU B 81 -10.19 -12.56 3.08
C GLU B 81 -9.61 -13.97 2.78
N SER B 82 -8.35 -14.23 3.15
CA SER B 82 -7.74 -15.53 2.83
C SER B 82 -8.38 -16.73 3.58
N SER B 83 -8.93 -16.49 4.77
CA SER B 83 -9.58 -17.53 5.56
C SER B 83 -11.02 -17.83 5.15
N GLY B 84 -11.65 -16.91 4.42
CA GLY B 84 -13.07 -17.03 4.10
C GLY B 84 -14.01 -16.38 5.10
N LEU B 85 -13.47 -15.90 6.21
CA LEU B 85 -14.30 -15.36 7.29
C LEU B 85 -14.87 -14.00 6.95
N ILE B 86 -14.25 -13.34 5.97
CA ILE B 86 -14.76 -12.09 5.45
C ILE B 86 -16.24 -12.18 5.06
N VAL B 87 -16.68 -13.35 4.58
CA VAL B 87 -18.06 -13.56 4.14
C VAL B 87 -19.05 -13.28 5.25
N ILE B 88 -18.80 -13.89 6.41
CA ILE B 88 -19.62 -13.68 7.57
C ILE B 88 -19.48 -12.24 8.06
N MET B 89 -18.26 -11.71 8.03
CA MET B 89 -17.98 -10.34 8.48
C MET B 89 -18.81 -9.32 7.72
N THR B 90 -18.78 -9.41 6.41
CA THR B 90 -19.48 -8.45 5.54
C THR B 90 -21.00 -8.58 5.72
N ARG B 91 -21.47 -9.81 5.88
CA ARG B 91 -22.90 -10.03 6.13
C ARG B 91 -23.31 -9.30 7.42
N GLN B 92 -22.52 -9.47 8.49
CA GLN B 92 -22.78 -8.72 9.73
C GLN B 92 -22.74 -7.21 9.56
N LEU B 93 -21.73 -6.74 8.83
CA LEU B 93 -21.58 -5.30 8.60
C LEU B 93 -22.76 -4.72 7.82
N MET B 94 -23.30 -5.48 6.88
CA MET B 94 -24.45 -5.02 6.13
C MET B 94 -25.71 -4.97 7.00
N LYS B 95 -25.94 -6.00 7.79
CA LYS B 95 -27.06 -5.99 8.72
C LYS B 95 -26.95 -4.81 9.69
N GLN B 96 -25.77 -4.68 10.32
CA GLN B 96 -25.53 -3.58 11.27
C GLN B 96 -25.68 -2.20 10.63
N THR B 97 -25.18 -2.02 9.42
CA THR B 97 -25.35 -0.71 8.72
C THR B 97 -26.83 -0.33 8.54
N ALA B 98 -27.63 -1.33 8.15
CA ALA B 98 -29.06 -1.17 8.03
C ALA B 98 -29.65 -0.83 9.37
N ASP B 99 -29.24 -1.54 10.42
CA ASP B 99 -29.74 -1.27 11.78
C ASP B 99 -29.41 0.17 12.25
N ILE B 100 -28.24 0.67 11.87
CA ILE B 100 -27.84 2.02 12.24
C ILE B 100 -28.70 3.03 11.48
N LEU B 101 -28.92 2.79 10.19
CA LEU B 101 -29.55 3.84 9.35
C LEU B 101 -31.08 3.76 9.32
N MET B 102 -31.65 2.59 9.62
N MET B 102 -31.62 2.60 9.69
CA MET B 102 -33.11 2.39 9.62
CA MET B 102 -33.07 2.34 9.65
C MET B 102 -33.87 3.48 10.40
C MET B 102 -33.85 3.43 10.41
N PRO B 103 -33.40 3.80 11.63
CA PRO B 103 -34.12 4.80 12.41
C PRO B 103 -34.08 6.22 11.86
N VAL B 104 -33.17 6.52 10.93
CA VAL B 104 -33.06 7.88 10.38
C VAL B 104 -33.18 7.91 8.87
N LYS B 105 -33.71 6.86 8.28
CA LYS B 105 -33.70 6.73 6.80
C LYS B 105 -34.48 7.85 6.14
N HIS B 106 -35.55 8.29 6.79
CA HIS B 106 -36.33 9.40 6.27
C HIS B 106 -35.62 10.75 6.29
N LEU B 107 -34.49 10.85 7.00
CA LEU B 107 -33.78 12.10 7.14
C LEU B 107 -32.56 12.15 6.18
N LEU B 108 -32.30 11.04 5.50
CA LEU B 108 -31.18 10.95 4.59
C LEU B 108 -31.53 11.77 3.37
N PRO B 109 -30.50 12.34 2.71
CA PRO B 109 -30.79 13.00 1.44
C PRO B 109 -31.26 12.00 0.43
N ASP B 110 -31.99 12.48 -0.57
CA ASP B 110 -32.50 11.56 -1.56
C ASP B 110 -31.34 11.01 -2.37
N ASN B 111 -31.44 9.75 -2.77
CA ASN B 111 -30.36 9.06 -3.48
C ASN B 111 -29.08 8.91 -2.64
N PHE B 112 -29.24 8.67 -1.34
CA PHE B 112 -28.10 8.56 -0.48
C PHE B 112 -27.30 7.31 -0.81
N HIS B 113 -26.01 7.46 -1.14
CA HIS B 113 -25.19 6.30 -1.52
C HIS B 113 -24.57 5.66 -0.30
N ILE B 114 -24.65 4.34 -0.22
CA ILE B 114 -23.98 3.58 0.86
C ILE B 114 -22.93 2.68 0.27
N GLY B 115 -21.65 3.03 0.47
CA GLY B 115 -20.52 2.26 -0.05
C GLY B 115 -20.10 1.13 0.89
N ILE B 116 -20.12 -0.10 0.40
CA ILE B 116 -19.74 -1.29 1.15
C ILE B 116 -18.56 -1.90 0.41
N ASN B 117 -17.48 -2.09 1.14
CA ASN B 117 -16.34 -2.80 0.56
C ASN B 117 -16.61 -4.25 0.38
N VAL B 118 -16.58 -4.71 -0.86
CA VAL B 118 -16.89 -6.12 -1.14
C VAL B 118 -15.69 -6.88 -1.73
N SER B 119 -15.15 -7.83 -0.98
CA SER B 119 -14.11 -8.65 -1.54
C SER B 119 -14.68 -9.76 -2.44
N ALA B 120 -13.80 -10.38 -3.19
CA ALA B 120 -14.13 -11.45 -4.12
C ALA B 120 -14.94 -12.59 -3.50
N GLY B 121 -14.51 -13.07 -2.34
CA GLY B 121 -15.27 -14.10 -1.62
C GLY B 121 -16.71 -13.75 -1.32
N CYS B 122 -16.96 -12.50 -0.97
CA CYS B 122 -18.30 -12.06 -0.61
C CYS B 122 -19.16 -12.05 -1.85
N PHE B 123 -18.61 -11.45 -2.90
CA PHE B 123 -19.30 -11.32 -4.17
C PHE B 123 -19.77 -12.64 -4.71
N LEU B 124 -18.94 -13.67 -4.54
CA LEU B 124 -19.18 -14.98 -5.16
C LEU B 124 -19.98 -15.92 -4.28
N ALA B 125 -20.21 -15.56 -3.03
CA ALA B 125 -20.91 -16.43 -2.11
C ALA B 125 -22.38 -16.51 -2.45
N ALA B 126 -22.94 -17.72 -2.34
CA ALA B 126 -24.37 -17.90 -2.56
C ALA B 126 -25.15 -17.04 -1.58
N GLY B 127 -26.19 -16.38 -2.06
CA GLY B 127 -27.00 -15.56 -1.18
C GLY B 127 -26.49 -14.15 -0.96
N PHE B 128 -25.36 -13.79 -1.58
CA PHE B 128 -24.86 -12.44 -1.50
C PHE B 128 -25.90 -11.43 -1.96
N GLU B 129 -26.49 -11.70 -3.13
CA GLU B 129 -27.42 -10.73 -3.71
C GLU B 129 -28.62 -10.51 -2.78
N LYS B 130 -29.09 -11.58 -2.15
CA LYS B 130 -30.21 -11.47 -1.21
C LYS B 130 -29.86 -10.61 -0.01
N GLU B 131 -28.63 -10.69 0.46
CA GLU B 131 -28.17 -9.81 1.54
C GLU B 131 -28.13 -8.34 1.11
N CYS B 132 -27.69 -8.07 -0.12
CA CYS B 132 -27.74 -6.69 -0.67
C CYS B 132 -29.16 -6.14 -0.72
N LEU B 133 -30.07 -6.96 -1.24
CA LEU B 133 -31.48 -6.56 -1.37
C LEU B 133 -32.11 -6.29 -0.02
N ASN B 134 -31.75 -7.09 0.98
CA ASN B 134 -32.27 -6.93 2.33
C ASN B 134 -31.90 -5.58 2.88
N LEU B 135 -30.65 -5.15 2.67
CA LEU B 135 -30.23 -3.82 3.11
C LEU B 135 -31.02 -2.73 2.39
N VAL B 136 -31.13 -2.86 1.06
CA VAL B 136 -31.83 -1.87 0.25
C VAL B 136 -33.30 -1.76 0.66
N ASN B 137 -33.94 -2.92 0.84
CA ASN B 137 -35.36 -2.94 1.20
C ASN B 137 -35.66 -2.37 2.57
N LYS B 138 -34.72 -2.50 3.51
CA LYS B 138 -34.87 -1.91 4.85
C LYS B 138 -34.80 -0.39 4.83
N LEU B 139 -33.94 0.15 3.97
CA LEU B 139 -33.69 1.57 3.96
C LEU B 139 -34.57 2.28 2.94
N GLY B 140 -34.98 1.55 1.90
CA GLY B 140 -35.86 2.11 0.87
C GLY B 140 -35.19 2.20 -0.49
N ASN B 141 -35.67 1.41 -1.45
CA ASN B 141 -35.11 1.44 -2.80
C ASN B 141 -35.25 2.81 -3.46
N ASP B 142 -36.37 3.47 -3.27
CA ASP B 142 -36.48 4.79 -3.88
C ASP B 142 -35.73 5.87 -3.08
N LYS B 143 -35.06 5.48 -1.98
CA LYS B 143 -34.39 6.43 -1.11
C LYS B 143 -32.84 6.37 -1.17
N ILE B 144 -32.28 5.19 -0.98
CA ILE B 144 -30.82 5.01 -1.03
C ILE B 144 -30.35 4.34 -2.30
N LYS B 145 -29.03 4.34 -2.49
CA LYS B 145 -28.37 3.61 -3.57
C LYS B 145 -27.24 2.81 -2.94
N LEU B 146 -27.30 1.48 -2.98
CA LEU B 146 -26.22 0.65 -2.50
C LEU B 146 -25.08 0.62 -3.55
N VAL B 147 -23.88 0.94 -3.11
CA VAL B 147 -22.68 0.95 -3.95
C VAL B 147 -21.70 -0.10 -3.42
N LEU B 148 -21.45 -1.09 -4.25
CA LEU B 148 -20.53 -2.15 -3.88
C LEU B 148 -19.13 -1.78 -4.41
N GLU B 149 -18.22 -1.53 -3.46
CA GLU B 149 -16.88 -1.08 -3.77
C GLU B 149 -16.00 -2.31 -4.00
N LEU B 150 -15.52 -2.48 -5.22
CA LEU B 150 -14.68 -3.61 -5.62
C LEU B 150 -13.23 -3.14 -5.79
N THR B 151 -12.29 -4.07 -5.73
CA THR B 151 -10.89 -3.76 -5.92
C THR B 151 -10.23 -4.77 -6.85
N GLU B 152 -9.24 -4.30 -7.58
CA GLU B 152 -8.40 -5.15 -8.39
C GLU B 152 -7.41 -5.99 -7.58
N ARG B 153 -7.18 -5.63 -6.34
CA ARG B 153 -6.30 -6.42 -5.48
C ARG B 153 -7.07 -7.67 -5.00
N ASN B 154 -6.50 -8.84 -5.28
CA ASN B 154 -7.22 -10.09 -5.04
C ASN B 154 -8.65 -10.04 -5.63
N PRO B 155 -8.73 -9.93 -6.97
CA PRO B 155 -10.02 -9.53 -7.52
C PRO B 155 -11.01 -10.64 -7.78
N ILE B 156 -12.21 -10.23 -8.09
CA ILE B 156 -13.16 -11.15 -8.69
C ILE B 156 -12.58 -11.59 -10.04
N PRO B 157 -12.60 -12.90 -10.34
CA PRO B 157 -12.03 -13.39 -11.60
C PRO B 157 -12.97 -13.12 -12.80
N VAL B 158 -12.37 -12.98 -13.97
CA VAL B 158 -13.13 -12.76 -15.20
C VAL B 158 -13.62 -14.08 -15.77
N THR B 159 -14.81 -14.47 -15.33
CA THR B 159 -15.52 -15.63 -15.81
C THR B 159 -16.97 -15.28 -16.09
N PRO B 160 -17.63 -16.06 -16.96
CA PRO B 160 -19.07 -15.84 -17.19
C PRO B 160 -19.93 -15.88 -15.90
N GLU B 161 -19.54 -16.75 -14.99
N GLU B 161 -19.60 -16.78 -14.98
CA GLU B 161 -20.20 -16.93 -13.72
CA GLU B 161 -20.31 -16.86 -13.69
C GLU B 161 -20.16 -15.62 -12.89
C GLU B 161 -20.18 -15.57 -12.89
N ALA B 162 -18.97 -15.02 -12.81
CA ALA B 162 -18.78 -13.76 -12.08
C ALA B 162 -19.57 -12.61 -12.72
N ARG B 163 -19.49 -12.50 -14.04
N ARG B 163 -19.47 -12.48 -14.03
CA ARG B 163 -20.23 -11.47 -14.77
CA ARG B 163 -20.22 -11.43 -14.74
C ARG B 163 -21.74 -11.59 -14.63
C ARG B 163 -21.74 -11.58 -14.57
N ALA B 164 -22.23 -12.81 -14.50
CA ALA B 164 -23.68 -13.06 -14.28
C ALA B 164 -24.14 -12.52 -12.92
N ILE B 165 -23.34 -12.73 -11.87
CA ILE B 165 -23.64 -12.16 -10.55
C ILE B 165 -23.68 -10.62 -10.65
N PHE B 166 -22.69 -10.04 -11.30
CA PHE B 166 -22.51 -8.60 -11.46
C PHE B 166 -23.74 -8.03 -12.19
N ASP B 167 -24.13 -8.68 -13.27
CA ASP B 167 -25.30 -8.25 -14.05
C ASP B 167 -26.61 -8.33 -13.27
N SER B 168 -26.81 -9.43 -12.53
CA SER B 168 -27.99 -9.60 -11.72
C SER B 168 -28.09 -8.49 -10.66
N LEU B 169 -26.97 -8.14 -10.03
CA LEU B 169 -26.99 -7.07 -9.04
C LEU B 169 -27.34 -5.73 -9.69
N HIS B 170 -26.77 -5.45 -10.85
CA HIS B 170 -27.11 -4.26 -11.63
C HIS B 170 -28.63 -4.23 -11.94
N GLN B 171 -29.19 -5.38 -12.32
CA GLN B 171 -30.60 -5.41 -12.70
C GLN B 171 -31.52 -5.17 -11.52
N HIS B 172 -30.99 -5.31 -10.31
CA HIS B 172 -31.70 -5.09 -9.07
C HIS B 172 -31.36 -3.71 -8.48
N ASN B 173 -30.86 -2.81 -9.33
CA ASN B 173 -30.62 -1.41 -8.98
C ASN B 173 -29.49 -1.24 -7.97
N ILE B 174 -28.62 -2.23 -7.87
CA ILE B 174 -27.42 -2.10 -7.04
C ILE B 174 -26.32 -1.59 -7.97
N THR B 175 -25.42 -0.74 -7.44
CA THR B 175 -24.35 -0.21 -8.27
C THR B 175 -22.99 -0.58 -7.69
N PHE B 176 -21.93 -0.24 -8.42
CA PHE B 176 -20.58 -0.63 -8.09
C PHE B 176 -19.60 0.54 -8.22
N ALA B 177 -18.57 0.53 -7.37
CA ALA B 177 -17.41 1.42 -7.52
C ALA B 177 -16.15 0.60 -7.69
N LEU B 178 -15.19 1.15 -8.45
CA LEU B 178 -13.82 0.61 -8.39
C LEU B 178 -12.92 1.38 -7.41
N ASP B 179 -12.52 0.70 -6.33
CA ASP B 179 -11.57 1.24 -5.38
C ASP B 179 -10.16 1.39 -5.98
N ASP B 180 -9.36 2.27 -5.39
CA ASP B 180 -7.91 2.23 -5.58
C ASP B 180 -7.52 2.39 -7.05
N PHE B 181 -8.26 3.22 -7.78
CA PHE B 181 -7.99 3.43 -9.18
C PHE B 181 -6.59 4.02 -9.31
N GLY B 182 -5.78 3.44 -10.20
CA GLY B 182 -4.45 3.94 -10.49
C GLY B 182 -3.38 3.01 -9.95
N THR B 183 -3.82 1.94 -9.30
CA THR B 183 -2.91 0.99 -8.69
C THR B 183 -3.03 -0.42 -9.30
N GLY B 184 -4.03 -0.69 -10.14
CA GLY B 184 -4.31 -2.03 -10.65
C GLY B 184 -3.46 -2.42 -11.85
N TYR B 185 -3.24 -3.72 -12.05
CA TYR B 185 -2.36 -4.18 -13.11
C TYR B 185 -2.94 -4.09 -14.52
N ALA B 186 -4.24 -4.29 -14.63
CA ALA B 186 -4.91 -4.26 -15.91
C ALA B 186 -6.33 -3.70 -15.83
N THR B 187 -6.41 -2.37 -15.65
CA THR B 187 -7.61 -1.70 -15.22
C THR B 187 -8.66 -1.57 -16.30
N TYR B 188 -8.21 -1.30 -17.51
CA TYR B 188 -9.10 -1.30 -18.64
C TYR B 188 -9.76 -2.67 -18.82
N ARG B 189 -8.97 -3.74 -18.81
N ARG B 189 -8.96 -3.73 -18.82
CA ARG B 189 -9.49 -5.11 -18.89
CA ARG B 189 -9.50 -5.08 -18.93
C ARG B 189 -10.51 -5.37 -17.78
C ARG B 189 -10.50 -5.34 -17.80
N TYR B 190 -10.18 -4.93 -16.57
CA TYR B 190 -11.06 -5.13 -15.41
C TYR B 190 -12.41 -4.45 -15.63
N LEU B 191 -12.35 -3.19 -16.06
CA LEU B 191 -13.60 -2.43 -16.28
C LEU B 191 -14.42 -2.99 -17.45
N GLN B 192 -13.75 -3.56 -18.44
CA GLN B 192 -14.47 -4.21 -19.53
C GLN B 192 -15.27 -5.42 -19.04
N ALA B 193 -14.70 -6.17 -18.11
CA ALA B 193 -15.37 -7.33 -17.53
C ALA B 193 -16.44 -6.92 -16.52
N PHE B 194 -16.14 -5.86 -15.77
CA PHE B 194 -16.96 -5.39 -14.64
C PHE B 194 -17.22 -3.89 -14.78
N PRO B 195 -18.17 -3.54 -15.66
CA PRO B 195 -18.43 -2.14 -15.96
C PRO B 195 -19.10 -1.41 -14.78
N VAL B 196 -18.28 -0.93 -13.84
CA VAL B 196 -18.77 -0.26 -12.62
C VAL B 196 -19.39 1.10 -12.93
N ASP B 197 -19.92 1.76 -11.91
CA ASP B 197 -20.64 3.02 -12.03
C ASP B 197 -19.88 4.21 -11.47
N PHE B 198 -18.87 3.94 -10.67
CA PHE B 198 -18.04 4.98 -10.04
C PHE B 198 -16.59 4.54 -10.04
N ILE B 199 -15.70 5.52 -10.18
CA ILE B 199 -14.27 5.30 -10.08
C ILE B 199 -13.77 6.08 -8.89
N LYS B 200 -13.11 5.42 -7.94
CA LYS B 200 -12.51 6.09 -6.77
C LYS B 200 -11.00 6.17 -7.02
N ILE B 201 -10.51 7.39 -7.16
CA ILE B 201 -9.09 7.61 -7.33
C ILE B 201 -8.36 7.31 -6.02
N ASP B 202 -7.32 6.50 -6.09
CA ASP B 202 -6.62 6.11 -4.88
C ASP B 202 -6.06 7.32 -4.16
N LYS B 203 -6.10 7.26 -2.83
CA LYS B 203 -5.68 8.36 -1.98
C LYS B 203 -4.24 8.78 -2.27
N SER B 204 -3.38 7.83 -2.59
CA SER B 204 -1.99 8.19 -2.92
C SER B 204 -1.91 9.29 -3.97
N PHE B 205 -2.77 9.20 -4.97
CA PHE B 205 -2.75 10.21 -6.06
C PHE B 205 -3.49 11.48 -5.69
N VAL B 206 -4.59 11.33 -4.96
CA VAL B 206 -5.39 12.50 -4.54
C VAL B 206 -4.53 13.46 -3.72
N GLN B 207 -3.58 12.91 -2.97
CA GLN B 207 -2.76 13.73 -2.07
C GLN B 207 -1.51 14.27 -2.72
N MET B 208 -1.27 13.95 -4.00
CA MET B 208 -0.12 14.55 -4.71
C MET B 208 -0.23 16.05 -4.98
N ALA B 209 0.88 16.75 -4.75
CA ALA B 209 0.99 18.20 -4.98
C ALA B 209 0.99 18.55 -6.48
N SER B 210 -0.01 19.33 -6.91
CA SER B 210 -0.12 19.74 -8.31
C SER B 210 1.13 20.44 -8.82
N VAL B 211 1.75 21.23 -7.98
CA VAL B 211 2.93 21.99 -8.40
C VAL B 211 4.22 21.16 -8.52
N ASP B 212 4.21 19.95 -7.95
CA ASP B 212 5.39 19.10 -8.01
C ASP B 212 5.66 18.58 -9.42
N GLU B 213 6.88 18.80 -9.89
CA GLU B 213 7.26 18.46 -11.26
C GLU B 213 7.24 16.95 -11.54
N ILE B 214 7.17 16.13 -10.49
CA ILE B 214 6.93 14.71 -10.70
C ILE B 214 5.52 14.36 -10.31
N SER B 215 5.17 14.58 -9.04
CA SER B 215 3.92 14.09 -8.52
C SER B 215 2.70 14.76 -9.15
N GLY B 216 2.85 16.03 -9.52
CA GLY B 216 1.76 16.73 -10.21
C GLY B 216 1.44 16.10 -11.56
N HIS B 217 2.47 15.60 -12.25
CA HIS B 217 2.24 14.91 -13.55
C HIS B 217 1.63 13.55 -13.36
N ILE B 218 1.97 12.88 -12.26
CA ILE B 218 1.32 11.59 -11.97
C ILE B 218 -0.17 11.75 -11.73
N VAL B 219 -0.56 12.62 -10.78
CA VAL B 219 -1.98 12.80 -10.49
C VAL B 219 -2.74 13.31 -11.73
N ASP B 220 -2.11 14.20 -12.49
CA ASP B 220 -2.71 14.66 -13.77
C ASP B 220 -3.07 13.51 -14.68
N ASN B 221 -2.12 12.61 -14.85
CA ASN B 221 -2.29 11.46 -15.69
C ASN B 221 -3.35 10.50 -15.16
N ILE B 222 -3.32 10.22 -13.87
CA ILE B 222 -4.30 9.29 -13.31
C ILE B 222 -5.73 9.82 -13.46
N VAL B 223 -5.93 11.09 -13.14
CA VAL B 223 -7.27 11.69 -13.27
C VAL B 223 -7.76 11.70 -14.71
N GLU B 224 -6.89 11.98 -15.66
CA GLU B 224 -7.28 11.93 -17.08
C GLU B 224 -7.67 10.51 -17.51
N LEU B 225 -6.91 9.51 -17.04
CA LEU B 225 -7.28 8.11 -17.30
C LEU B 225 -8.59 7.73 -16.62
N ALA B 226 -8.89 8.33 -15.48
CA ALA B 226 -10.14 8.01 -14.76
C ALA B 226 -11.37 8.54 -15.47
N ARG B 227 -11.18 9.55 -16.31
CA ARG B 227 -12.28 10.05 -17.14
C ARG B 227 -12.67 9.09 -18.22
N LYS B 228 -11.72 8.27 -18.66
CA LYS B 228 -11.88 7.51 -19.91
C LYS B 228 -13.14 6.65 -19.94
N PRO B 229 -13.52 6.04 -18.79
CA PRO B 229 -14.78 5.28 -18.75
C PRO B 229 -16.06 6.13 -18.82
N GLY B 230 -15.97 7.44 -18.55
CA GLY B 230 -17.12 8.32 -18.54
C GLY B 230 -18.07 8.12 -17.38
N LEU B 231 -17.52 7.72 -16.23
CA LEU B 231 -18.29 7.48 -15.02
C LEU B 231 -18.05 8.58 -14.00
N SER B 232 -18.87 8.63 -12.97
CA SER B 232 -18.62 9.45 -11.78
C SER B 232 -17.31 9.10 -11.05
N ILE B 233 -16.56 10.14 -10.74
CA ILE B 233 -15.30 10.01 -10.07
C ILE B 233 -15.41 10.48 -8.62
N VAL B 234 -14.87 9.68 -7.70
CA VAL B 234 -14.76 10.07 -6.31
C VAL B 234 -13.29 10.25 -6.02
N ALA B 235 -12.93 11.40 -5.47
CA ALA B 235 -11.59 11.61 -4.92
C ALA B 235 -11.61 11.27 -3.46
N GLU B 236 -10.91 10.19 -3.09
CA GLU B 236 -10.82 9.79 -1.68
C GLU B 236 -9.52 10.26 -1.10
N GLY B 237 -9.54 10.50 0.19
CA GLY B 237 -8.33 10.78 0.94
C GLY B 237 -7.99 12.25 0.92
N VAL B 238 -8.99 13.12 0.73
CA VAL B 238 -8.75 14.57 0.64
C VAL B 238 -8.42 15.09 2.03
N GLU B 239 -7.21 15.64 2.16
CA GLU B 239 -6.73 16.10 3.46
C GLU B 239 -6.56 17.61 3.53
N THR B 240 -6.50 18.30 2.39
CA THR B 240 -6.31 19.75 2.39
C THR B 240 -7.18 20.38 1.33
N GLN B 241 -7.49 21.65 1.51
CA GLN B 241 -8.31 22.38 0.55
C GLN B 241 -7.67 22.42 -0.83
N GLU B 242 -6.35 22.46 -0.88
CA GLU B 242 -5.66 22.49 -2.17
C GLU B 242 -5.82 21.18 -2.92
N GLN B 243 -5.83 20.06 -2.20
CA GLN B 243 -6.14 18.75 -2.82
C GLN B 243 -7.56 18.76 -3.34
N ALA B 244 -8.47 19.28 -2.51
CA ALA B 244 -9.88 19.41 -2.90
C ALA B 244 -10.01 20.27 -4.14
N ASP B 245 -9.35 21.44 -4.15
CA ASP B 245 -9.39 22.34 -5.31
C ASP B 245 -8.92 21.69 -6.59
N LEU B 246 -7.83 20.93 -6.51
CA LEU B 246 -7.31 20.28 -7.68
C LEU B 246 -8.37 19.32 -8.22
N MET B 247 -8.97 18.53 -7.33
CA MET B 247 -9.97 17.57 -7.76
C MET B 247 -11.25 18.23 -8.30
N ILE B 248 -11.74 19.24 -7.59
CA ILE B 248 -12.93 20.00 -8.05
C ILE B 248 -12.70 20.59 -9.43
N GLY B 249 -11.53 21.21 -9.61
CA GLY B 249 -11.14 21.80 -10.89
C GLY B 249 -11.02 20.80 -12.02
N LYS B 250 -10.73 19.56 -11.68
CA LYS B 250 -10.62 18.51 -12.67
C LYS B 250 -11.98 17.89 -13.01
N GLY B 251 -13.05 18.36 -12.38
CA GLY B 251 -14.40 17.86 -12.66
C GLY B 251 -14.72 16.51 -12.02
N VAL B 252 -14.03 16.18 -10.94
CA VAL B 252 -14.41 15.04 -10.10
C VAL B 252 -15.77 15.33 -9.47
N HIS B 253 -16.59 14.31 -9.24
CA HIS B 253 -17.99 14.48 -8.81
C HIS B 253 -18.21 14.42 -7.29
N PHE B 254 -17.37 13.65 -6.61
CA PHE B 254 -17.53 13.43 -5.18
C PHE B 254 -16.20 13.53 -4.47
N LEU B 255 -16.26 13.97 -3.22
CA LEU B 255 -15.10 14.11 -2.37
C LEU B 255 -15.29 13.37 -1.04
N GLN B 256 -14.22 12.75 -0.55
CA GLN B 256 -14.23 11.96 0.66
C GLN B 256 -12.87 12.13 1.32
N GLY B 257 -12.83 12.45 2.60
CA GLY B 257 -11.54 12.56 3.27
C GLY B 257 -11.53 13.21 4.63
N TYR B 258 -10.37 13.15 5.28
CA TYR B 258 -10.17 13.68 6.63
C TYR B 258 -10.43 15.18 6.71
N LEU B 259 -10.31 15.90 5.59
CA LEU B 259 -10.61 17.34 5.55
C LEU B 259 -12.04 17.57 6.03
N TYR B 260 -12.92 16.64 5.69
CA TYR B 260 -14.33 16.74 6.04
C TYR B 260 -14.56 15.95 7.32
N SER B 261 -14.31 14.65 7.29
CA SER B 261 -14.30 13.80 8.48
C SER B 261 -13.64 12.45 8.23
N PRO B 262 -12.87 11.96 9.21
CA PRO B 262 -12.51 10.55 9.16
C PRO B 262 -13.77 9.70 9.33
N PRO B 263 -13.64 8.37 9.16
CA PRO B 263 -14.74 7.50 9.54
C PRO B 263 -15.04 7.65 11.04
N VAL B 264 -16.32 7.62 11.37
CA VAL B 264 -16.78 7.76 12.77
C VAL B 264 -17.80 6.67 13.09
N PRO B 265 -18.06 6.40 14.39
CA PRO B 265 -19.08 5.42 14.78
C PRO B 265 -20.48 5.82 14.30
N GLY B 266 -21.38 4.86 14.14
CA GLY B 266 -22.74 5.08 13.65
C GLY B 266 -23.47 6.24 14.28
N ASN B 267 -23.51 6.29 15.61
CA ASN B 267 -24.23 7.35 16.28
C ASN B 267 -23.67 8.73 15.97
N LYS B 268 -22.34 8.81 15.87
CA LYS B 268 -21.67 10.04 15.63
C LYS B 268 -21.88 10.44 14.18
N PHE B 269 -21.94 9.47 13.28
CA PHE B 269 -22.25 9.79 11.88
C PHE B 269 -23.64 10.41 11.77
N ILE B 270 -24.59 9.86 12.51
CA ILE B 270 -25.95 10.38 12.52
C ILE B 270 -25.99 11.78 13.10
N SER B 271 -25.44 11.93 14.30
CA SER B 271 -25.41 13.22 14.99
C SER B 271 -24.67 14.32 14.24
N GLU B 272 -23.57 13.99 13.58
CA GLU B 272 -22.72 15.02 12.96
C GLU B 272 -22.94 15.25 11.48
N TRP B 273 -23.55 14.29 10.77
CA TRP B 273 -23.72 14.44 9.31
C TRP B 273 -25.13 14.31 8.80
N VAL B 274 -25.85 13.29 9.26
CA VAL B 274 -27.23 13.12 8.83
C VAL B 274 -28.09 14.27 9.34
N MET B 275 -27.87 14.66 10.59
CA MET B 275 -28.77 15.57 11.31
C MET B 275 -28.28 17.02 11.27
N LYS B 276 -28.76 17.79 10.31
CA LYS B 276 -28.21 19.11 9.99
C LYS B 276 -26.85 19.01 9.30
#